data_6AAJ
#
_entry.id   6AAJ
#
_cell.length_a   43.148
_cell.length_b   126.657
_cell.length_c   132.908
_cell.angle_alpha   90.00
_cell.angle_beta   96.49
_cell.angle_gamma   90.00
#
_symmetry.space_group_name_H-M   'C 1 2 1'
#
loop_
_entity.id
_entity.type
_entity.pdbx_description
1 polymer 'Tyrosine-protein kinase JAK2'
2 non-polymer 4-[[(1S,3R)-5-oxidanyl-2-adamantyl]amino]-1H-pyrrolo[2,3-b]pyridine-5-carboxamide
3 water water
#
_entity_poly.entity_id   1
_entity_poly.type   'polypeptide(L)'
_entity_poly.pdbx_seq_one_letter_code
;GAFEDRDPTQFEERHLKFLQQLGKGNFGSVEMCRYDPLQDNTGEVVAVKKLQHSTEEHLRDFEREIEILKSLQHDNIVKY
KGVCYSAGRRNLKLIMEYLPYGSLRDYLQAHAERIDHIKLLQYTSQICKGMEYLGTKRYIHRDLATRNILVENENRVKIG
DFGLTKVLPQDKE(PTR)(PTR)KVKEPGESPIFWYAPESLTESKFSVASDVWSFGVVLYELFTYIEKSKSPPAEFMRMI
GNDKQGQMIVFHLIELLKNNGRLPRPDGCPDEIYMIMTECWNNNVNQRPSFRDLALRVDQIRDNMAG
;
_entity_poly.pdbx_strand_id   A,B
#
loop_
_chem_comp.id
_chem_comp.type
_chem_comp.name
_chem_comp.formula
9T6 non-polymer 4-[[(1S,3R)-5-oxidanyl-2-adamantyl]amino]-1H-pyrrolo[2,3-b]pyridine-5-carboxamide 'C18 H22 N4 O2'
#
# COMPACT_ATOMS: atom_id res chain seq x y z
N GLN A 10 15.43 1.11 11.30
CA GLN A 10 15.77 2.01 10.15
C GLN A 10 15.01 3.34 10.25
N PHE A 11 14.16 3.50 11.27
CA PHE A 11 13.56 4.81 11.58
C PHE A 11 14.28 5.37 12.81
N GLU A 12 14.70 6.63 12.75
CA GLU A 12 15.50 7.24 13.85
C GLU A 12 14.57 7.89 14.91
N GLU A 13 14.71 7.42 16.14
CA GLU A 13 13.91 7.85 17.30
C GLU A 13 13.82 9.39 17.37
N ARG A 14 14.94 10.07 17.17
CA ARG A 14 15.00 11.54 17.33
C ARG A 14 14.17 12.22 16.24
N HIS A 15 13.82 11.49 15.18
CA HIS A 15 13.10 12.06 14.05
C HIS A 15 11.58 11.83 14.19
N LEU A 16 11.16 10.99 15.14
CA LEU A 16 9.72 10.76 15.41
C LEU A 16 9.18 11.84 16.35
N LYS A 17 8.22 12.63 15.86
CA LYS A 17 7.67 13.77 16.60
C LYS A 17 6.25 13.44 17.06
N PHE A 18 6.05 13.47 18.37
CA PHE A 18 4.77 13.10 18.97
C PHE A 18 3.67 14.09 18.58
N LEU A 19 2.53 13.56 18.12
CA LEU A 19 1.39 14.43 17.78
C LEU A 19 0.20 14.17 18.72
N GLN A 20 -0.13 12.88 18.96
CA GLN A 20 -1.25 12.50 19.85
C GLN A 20 -1.26 10.97 20.07
N GLN A 21 -1.91 10.54 21.16
CA GLN A 21 -2.16 9.11 21.47
C GLN A 21 -3.27 8.59 20.54
N LEU A 22 -3.19 7.31 20.16
CA LEU A 22 -4.26 6.72 19.34
C LEU A 22 -5.07 5.68 20.12
N GLY A 23 -4.45 4.98 21.06
CA GLY A 23 -5.18 4.02 21.90
C GLY A 23 -4.27 2.97 22.51
N LYS A 24 -4.87 2.07 23.29
CA LYS A 24 -4.13 0.97 23.94
C LYS A 24 -4.59 -0.38 23.36
N GLY A 25 -3.62 -1.22 23.02
CA GLY A 25 -3.88 -2.52 22.37
C GLY A 25 -4.00 -3.67 23.37
N ASN A 26 -3.38 -4.80 23.04
CA ASN A 26 -3.42 -6.00 23.88
C ASN A 26 -2.43 -5.85 25.04
N PHE A 27 -1.20 -5.49 24.72
CA PHE A 27 -0.18 -5.24 25.72
C PHE A 27 0.16 -3.75 25.77
N GLY A 28 0.96 -3.30 24.81
CA GLY A 28 1.41 -1.90 24.76
C GLY A 28 0.41 -0.98 24.06
N SER A 29 0.91 0.18 23.61
CA SER A 29 0.08 1.32 23.18
C SER A 29 0.55 1.88 21.82
N VAL A 30 -0.31 2.68 21.19
CA VAL A 30 -0.03 3.18 19.85
C VAL A 30 -0.21 4.71 19.81
N GLU A 31 0.77 5.40 19.21
CA GLU A 31 0.83 6.86 19.14
C GLU A 31 0.86 7.33 17.68
N MET A 32 0.39 8.55 17.44
CA MET A 32 0.53 9.23 16.13
C MET A 32 1.75 10.16 16.20
N CYS A 33 2.69 10.00 15.26
CA CYS A 33 3.92 10.80 15.22
C CYS A 33 4.17 11.33 13.80
N ARG A 34 4.85 12.46 13.70
CA ARG A 34 5.37 12.90 12.40
C ARG A 34 6.79 12.34 12.27
N TYR A 35 7.06 11.64 11.18
CA TYR A 35 8.45 11.24 10.88
C TYR A 35 9.11 12.33 10.04
N ASP A 36 10.04 13.08 10.65
CA ASP A 36 10.55 14.31 10.03
C ASP A 36 12.09 14.33 10.08
N PRO A 37 12.73 13.45 9.28
CA PRO A 37 14.18 13.25 9.34
C PRO A 37 15.01 14.42 8.77
N LEU A 38 14.39 15.23 7.92
CA LEU A 38 15.04 16.43 7.37
C LEU A 38 14.95 17.57 8.40
N GLN A 39 14.10 17.39 9.41
CA GLN A 39 13.85 18.40 10.46
C GLN A 39 13.44 19.74 9.81
N ASP A 40 12.65 19.67 8.74
CA ASP A 40 11.87 20.82 8.27
C ASP A 40 10.43 20.69 8.78
N ASN A 41 9.45 21.00 7.95
CA ASN A 41 8.04 20.93 8.38
C ASN A 41 7.38 19.67 7.80
N THR A 42 8.07 19.07 6.82
CA THR A 42 7.50 18.04 5.95
C THR A 42 7.77 16.65 6.52
N GLY A 43 7.17 15.62 5.92
CA GLY A 43 7.31 14.29 6.45
C GLY A 43 5.96 13.70 6.84
N GLU A 44 5.77 12.43 6.51
CA GLU A 44 4.51 11.77 6.70
C GLU A 44 4.24 11.54 8.19
N VAL A 45 2.97 11.46 8.51
CA VAL A 45 2.47 11.02 9.79
C VAL A 45 2.41 9.49 9.78
N VAL A 46 2.79 8.88 10.90
CA VAL A 46 2.72 7.43 11.06
C VAL A 46 2.16 7.06 12.44
N ALA A 47 1.86 5.79 12.60
CA ALA A 47 1.38 5.22 13.85
C ALA A 47 2.51 4.37 14.46
N VAL A 48 2.79 4.59 15.74
CA VAL A 48 3.94 3.98 16.39
C VAL A 48 3.45 3.14 17.58
N LYS A 49 3.81 1.86 17.58
CA LYS A 49 3.50 0.96 18.69
C LYS A 49 4.75 0.71 19.53
N LYS A 50 4.56 0.69 20.84
CA LYS A 50 5.60 0.39 21.84
C LYS A 50 4.95 -0.33 23.02
N LEU A 51 5.77 -1.02 23.82
CA LEU A 51 5.24 -1.77 24.99
C LEU A 51 5.24 -0.86 26.22
N GLN A 52 4.31 -1.10 27.15
CA GLN A 52 4.22 -0.32 28.39
C GLN A 52 5.17 -0.90 29.45
N SER A 54 7.67 -3.35 29.95
CA SER A 54 7.91 -4.40 28.97
C SER A 54 8.63 -5.59 29.61
N THR A 55 7.95 -6.74 29.66
CA THR A 55 8.55 -8.00 30.12
C THR A 55 9.38 -8.61 28.98
N GLU A 56 9.97 -9.77 29.26
CA GLU A 56 10.70 -10.55 28.26
C GLU A 56 9.68 -11.28 27.38
N GLU A 57 8.69 -11.89 28.03
CA GLU A 57 7.60 -12.62 27.37
C GLU A 57 6.93 -11.70 26.32
N HIS A 58 6.65 -10.45 26.71
CA HIS A 58 6.01 -9.48 25.82
C HIS A 58 6.95 -9.09 24.66
N LEU A 59 8.22 -8.86 24.98
CA LEU A 59 9.25 -8.50 24.00
C LEU A 59 9.34 -9.60 22.93
N ARG A 60 9.34 -10.87 23.34
CA ARG A 60 9.36 -12.00 22.41
C ARG A 60 8.16 -11.93 21.48
N ASP A 61 6.98 -11.65 22.04
CA ASP A 61 5.72 -11.61 21.29
C ASP A 61 5.73 -10.43 20.31
N PHE A 62 6.23 -9.28 20.76
CA PHE A 62 6.24 -8.06 19.97
C PHE A 62 7.10 -8.29 18.72
N GLU A 63 8.23 -8.98 18.90
CA GLU A 63 9.14 -9.26 17.78
C GLU A 63 8.49 -10.25 16.81
N ARG A 64 7.65 -11.15 17.33
CA ARG A 64 6.88 -12.04 16.48
C ARG A 64 5.83 -11.24 15.68
N GLU A 65 5.20 -10.27 16.34
CA GLU A 65 4.15 -9.42 15.76
C GLU A 65 4.74 -8.62 14.58
N ILE A 66 5.91 -8.01 14.81
CA ILE A 66 6.60 -7.23 13.78
C ILE A 66 6.83 -8.10 12.55
N GLU A 67 7.36 -9.31 12.79
CA GLU A 67 7.71 -10.24 11.71
C GLU A 67 6.44 -10.67 10.96
N ILE A 68 5.37 -10.94 11.71
CA ILE A 68 4.11 -11.30 11.08
C ILE A 68 3.65 -10.15 10.15
N LEU A 69 3.63 -8.91 10.68
CA LEU A 69 3.13 -7.76 9.94
C LEU A 69 4.00 -7.49 8.70
N LYS A 70 5.32 -7.65 8.86
CA LYS A 70 6.30 -7.47 7.77
C LYS A 70 5.98 -8.46 6.64
N SER A 71 5.55 -9.68 7.01
CA SER A 71 5.34 -10.75 6.04
C SER A 71 3.99 -10.61 5.32
N LEU A 72 3.20 -9.59 5.64
CA LEU A 72 1.85 -9.47 5.05
C LEU A 72 1.76 -8.30 4.08
N GLN A 73 1.36 -8.58 2.85
CA GLN A 73 1.02 -7.53 1.86
C GLN A 73 -0.37 -7.84 1.32
N HIS A 74 -1.34 -7.05 1.76
CA HIS A 74 -2.73 -7.17 1.35
C HIS A 74 -3.41 -5.79 1.50
N ASP A 75 -4.46 -5.56 0.72
CA ASP A 75 -5.23 -4.32 0.76
C ASP A 75 -6.03 -4.21 2.07
N ASN A 76 -6.39 -5.35 2.66
CA ASN A 76 -7.28 -5.39 3.81
C ASN A 76 -6.46 -5.71 5.08
N ILE A 77 -5.15 -5.44 5.01
CA ILE A 77 -4.28 -5.59 6.18
C ILE A 77 -3.46 -4.30 6.32
N VAL A 78 -3.35 -3.79 7.56
CA VAL A 78 -2.64 -2.54 7.82
C VAL A 78 -1.17 -2.68 7.38
N LYS A 79 -0.61 -1.63 6.78
CA LYS A 79 0.71 -1.65 6.13
C LYS A 79 1.84 -1.48 7.17
N TYR A 80 2.77 -2.43 7.19
CA TYR A 80 4.04 -2.31 7.92
C TYR A 80 4.91 -1.24 7.23
N LYS A 81 5.60 -0.37 7.97
CA LYS A 81 6.52 0.62 7.38
C LYS A 81 7.97 0.42 7.86
N GLY A 82 8.19 -0.09 9.08
CA GLY A 82 9.56 -0.25 9.60
C GLY A 82 9.61 -0.37 11.12
N VAL A 83 10.82 -0.32 11.67
CA VAL A 83 11.02 -0.40 13.13
C VAL A 83 11.94 0.75 13.58
N CYS A 84 12.05 0.92 14.90
CA CYS A 84 12.84 1.98 15.50
C CYS A 84 13.59 1.45 16.73
N TYR A 85 14.90 1.22 16.57
CA TYR A 85 15.78 0.74 17.66
C TYR A 85 16.51 1.93 18.29
N SER A 86 17.00 1.73 19.52
CA SER A 86 17.85 2.72 20.20
C SER A 86 19.05 2.02 20.86
N ASN A 91 14.46 -0.95 23.51
CA ASN A 91 13.01 -0.69 23.59
C ASN A 91 12.44 -0.45 22.17
N LEU A 92 11.93 -1.54 21.59
CA LEU A 92 11.49 -1.60 20.19
C LEU A 92 10.28 -0.68 19.94
N LYS A 93 10.20 -0.16 18.71
CA LYS A 93 9.01 0.53 18.21
C LYS A 93 8.64 -0.04 16.84
N LEU A 94 7.35 -0.38 16.66
CA LEU A 94 6.76 -0.75 15.38
C LEU A 94 6.14 0.50 14.72
N ILE A 95 6.52 0.75 13.46
CA ILE A 95 6.04 1.90 12.68
C ILE A 95 5.07 1.39 11.62
N MET A 96 3.85 1.92 11.62
CA MET A 96 2.80 1.49 10.68
C MET A 96 2.18 2.70 9.94
N GLU A 97 1.40 2.42 8.90
CA GLU A 97 0.67 3.50 8.24
C GLU A 97 -0.35 4.04 9.24
N TYR A 98 -0.56 5.34 9.21
CA TYR A 98 -1.61 5.91 9.98
C TYR A 98 -2.84 6.01 9.10
N LEU A 99 -3.97 5.60 9.66
CA LEU A 99 -5.28 5.62 9.01
C LEU A 99 -6.18 6.64 9.73
N PRO A 100 -6.45 7.78 9.07
CA PRO A 100 -7.13 8.90 9.75
C PRO A 100 -8.62 8.70 10.13
N TYR A 101 -9.29 7.71 9.54
CA TYR A 101 -10.69 7.46 9.91
C TYR A 101 -10.81 6.62 11.18
N GLY A 102 -9.72 6.00 11.64
CA GLY A 102 -9.74 5.30 12.94
C GLY A 102 -10.40 3.94 12.87
N SER A 103 -10.80 3.40 14.02
CA SER A 103 -11.35 2.05 14.07
C SER A 103 -12.75 2.02 13.45
N LEU A 104 -13.12 0.85 12.91
CA LEU A 104 -14.45 0.59 12.34
C LEU A 104 -15.53 0.87 13.39
N ARG A 105 -15.26 0.52 14.66
CA ARG A 105 -16.28 0.73 15.70
C ARG A 105 -16.54 2.23 15.86
N ASP A 106 -15.49 3.05 15.75
CA ASP A 106 -15.65 4.48 15.91
C ASP A 106 -16.28 5.07 14.64
N TYR A 107 -15.80 4.63 13.48
CA TYR A 107 -16.27 5.20 12.21
C TYR A 107 -17.78 4.92 12.07
N LEU A 108 -18.14 3.67 12.32
CA LEU A 108 -19.54 3.23 12.28
C LEU A 108 -20.41 4.07 13.23
N GLN A 109 -19.94 4.36 14.44
CA GLN A 109 -20.72 5.15 15.41
C GLN A 109 -20.83 6.60 14.95
N ALA A 110 -19.75 7.13 14.38
CA ALA A 110 -19.71 8.53 13.94
C ALA A 110 -20.61 8.74 12.72
N HIS A 111 -20.62 7.77 11.81
CA HIS A 111 -21.22 7.95 10.49
C HIS A 111 -22.37 6.95 10.28
N ALA A 112 -22.98 6.50 11.37
CA ALA A 112 -23.95 5.41 11.34
C ALA A 112 -25.07 5.72 10.33
N GLU A 113 -25.41 6.99 10.17
CA GLU A 113 -26.61 7.39 9.42
C GLU A 113 -26.38 7.33 7.91
N ARG A 114 -25.13 7.26 7.47
CA ARG A 114 -24.83 7.17 6.04
C ARG A 114 -24.23 5.79 5.70
N ILE A 115 -24.27 4.84 6.63
CA ILE A 115 -23.76 3.52 6.33
C ILE A 115 -24.94 2.54 6.27
N ASP A 116 -25.25 2.08 5.06
CA ASP A 116 -26.41 1.21 4.86
C ASP A 116 -25.94 -0.25 4.95
N HIS A 117 -26.86 -1.20 4.82
CA HIS A 117 -26.52 -2.62 4.89
C HIS A 117 -25.55 -3.01 3.77
N ILE A 118 -25.67 -2.41 2.60
CA ILE A 118 -24.78 -2.76 1.47
C ILE A 118 -23.34 -2.45 1.88
N LYS A 119 -23.11 -1.23 2.34
CA LYS A 119 -21.81 -0.81 2.86
C LYS A 119 -21.31 -1.78 3.93
N LEU A 120 -22.17 -2.19 4.87
CA LEU A 120 -21.76 -3.14 5.90
C LEU A 120 -21.25 -4.43 5.26
N LEU A 121 -21.89 -4.89 4.17
CA LEU A 121 -21.49 -6.20 3.60
C LEU A 121 -20.25 -6.04 2.74
N GLN A 122 -19.95 -4.80 2.34
CA GLN A 122 -18.72 -4.51 1.62
C GLN A 122 -17.51 -4.65 2.57
N TYR A 123 -17.67 -4.11 3.78
CA TYR A 123 -16.68 -4.27 4.84
C TYR A 123 -16.54 -5.75 5.21
N THR A 124 -17.67 -6.44 5.40
CA THR A 124 -17.68 -7.85 5.74
C THR A 124 -16.84 -8.64 4.73
N SER A 125 -17.14 -8.42 3.45
CA SER A 125 -16.46 -9.03 2.32
C SER A 125 -14.93 -8.79 2.42
N GLN A 126 -14.52 -7.56 2.69
CA GLN A 126 -13.10 -7.19 2.84
C GLN A 126 -12.46 -7.87 4.06
N ILE A 127 -13.20 -8.05 5.16
CA ILE A 127 -12.62 -8.74 6.32
C ILE A 127 -12.37 -10.20 5.93
N CYS A 128 -13.30 -10.79 5.18
CA CYS A 128 -13.18 -12.17 4.65
C CYS A 128 -11.93 -12.34 3.79
N LYS A 129 -11.77 -11.50 2.78
CA LYS A 129 -10.60 -11.56 1.89
C LYS A 129 -9.30 -11.50 2.70
N GLY A 130 -9.20 -10.59 3.66
CA GLY A 130 -7.95 -10.42 4.40
C GLY A 130 -7.64 -11.66 5.23
N MET A 131 -8.69 -12.24 5.78
CA MET A 131 -8.59 -13.43 6.60
C MET A 131 -8.27 -14.65 5.72
N GLU A 132 -8.85 -14.73 4.51
CA GLU A 132 -8.56 -15.84 3.60
C GLU A 132 -7.06 -15.81 3.29
N TYR A 133 -6.54 -14.60 3.11
CA TYR A 133 -5.13 -14.37 2.88
C TYR A 133 -4.31 -14.76 4.12
N LEU A 134 -4.77 -14.44 5.32
CA LEU A 134 -4.07 -14.87 6.55
C LEU A 134 -3.93 -16.41 6.55
N GLY A 135 -5.01 -17.10 6.20
CA GLY A 135 -5.03 -18.56 6.18
C GLY A 135 -3.95 -19.16 5.28
N THR A 136 -3.78 -18.58 4.09
CA THR A 136 -2.82 -19.14 3.14
C THR A 136 -1.41 -19.13 3.77
N LYS A 137 -1.18 -18.22 4.69
CA LYS A 137 0.13 -18.15 5.33
C LYS A 137 0.10 -18.90 6.67
N ARG A 138 -1.00 -19.61 6.90
CA ARG A 138 -1.18 -20.44 8.11
C ARG A 138 -1.11 -19.58 9.39
N TYR A 139 -1.55 -18.31 9.32
CA TYR A 139 -1.61 -17.40 10.49
C TYR A 139 -3.01 -17.45 11.12
N ILE A 140 -3.05 -17.45 12.46
CA ILE A 140 -4.31 -17.41 13.23
C ILE A 140 -4.40 -16.05 13.95
N HIS A 141 -5.47 -15.28 13.69
CA HIS A 141 -5.52 -13.89 14.16
C HIS A 141 -5.76 -13.87 15.68
N ARG A 142 -6.78 -14.60 16.11
CA ARG A 142 -7.18 -14.82 17.53
C ARG A 142 -7.88 -13.60 18.16
N ASP A 143 -7.93 -12.45 17.48
CA ASP A 143 -8.47 -11.23 18.09
C ASP A 143 -9.31 -10.43 17.09
N LEU A 144 -9.99 -11.13 16.18
CA LEU A 144 -10.92 -10.49 15.25
C LEU A 144 -12.08 -9.85 16.00
N ALA A 145 -12.17 -8.52 15.91
CA ALA A 145 -13.20 -7.70 16.53
C ALA A 145 -13.27 -6.36 15.79
N THR A 146 -14.43 -5.65 15.81
CA THR A 146 -14.50 -4.40 15.01
C THR A 146 -13.57 -3.34 15.59
N ARG A 147 -13.26 -3.43 16.89
CA ARG A 147 -12.31 -2.50 17.50
C ARG A 147 -10.92 -2.66 16.85
N ASN A 148 -10.65 -3.84 16.25
CA ASN A 148 -9.34 -4.19 15.67
C ASN A 148 -9.32 -3.96 14.15
N ILE A 149 -10.44 -3.55 13.59
CA ILE A 149 -10.51 -3.26 12.18
C ILE A 149 -10.42 -1.74 12.03
N LEU A 150 -9.61 -1.28 11.07
CA LEU A 150 -9.43 0.15 10.81
C LEU A 150 -10.05 0.51 9.46
N VAL A 151 -10.38 1.79 9.29
CA VAL A 151 -10.99 2.26 8.05
C VAL A 151 -9.95 3.07 7.26
N GLU A 152 -9.77 2.72 5.99
CA GLU A 152 -8.88 3.52 5.17
C GLU A 152 -9.64 4.65 4.45
N ASN A 153 -10.80 4.33 3.92
CA ASN A 153 -11.77 5.32 3.40
C ASN A 153 -13.16 4.67 3.42
N GLU A 154 -14.17 5.42 3.02
CA GLU A 154 -15.56 4.96 3.08
C GLU A 154 -15.74 3.62 2.33
N ASN A 155 -14.76 3.21 1.52
CA ASN A 155 -14.89 2.00 0.67
C ASN A 155 -13.93 0.88 1.10
N ARG A 156 -12.97 1.14 2.00
CA ARG A 156 -11.99 0.12 2.32
C ARG A 156 -11.68 0.05 3.81
N VAL A 157 -11.62 -1.17 4.33
CA VAL A 157 -11.22 -1.43 5.72
C VAL A 157 -9.98 -2.36 5.74
N LYS A 158 -9.25 -2.33 6.86
CA LYS A 158 -8.03 -3.09 7.04
C LYS A 158 -8.01 -3.69 8.45
N ILE A 159 -7.71 -4.99 8.52
CA ILE A 159 -7.41 -5.65 9.77
C ILE A 159 -6.11 -5.04 10.31
N GLY A 160 -6.17 -4.60 11.56
CA GLY A 160 -4.99 -4.18 12.29
C GLY A 160 -4.75 -5.11 13.47
N ASP A 161 -3.90 -4.66 14.38
CA ASP A 161 -3.54 -5.37 15.61
C ASP A 161 -3.34 -6.89 15.40
N PHE A 162 -2.10 -7.25 15.10
CA PHE A 162 -1.71 -8.64 14.95
C PHE A 162 -0.95 -9.11 16.21
N GLY A 163 -1.28 -8.47 17.34
CA GLY A 163 -0.57 -8.67 18.63
C GLY A 163 -0.70 -10.08 19.20
N LEU A 164 -1.82 -10.76 18.95
CA LEU A 164 -2.10 -12.09 19.53
C LEU A 164 -2.03 -13.17 18.44
N THR A 165 -1.60 -12.78 17.24
CA THR A 165 -1.62 -13.70 16.09
C THR A 165 -0.57 -14.79 16.26
N LYS A 166 -0.91 -16.02 15.87
CA LYS A 166 0.00 -17.15 15.96
C LYS A 166 0.16 -17.81 14.58
N VAL A 167 1.31 -18.46 14.38
CA VAL A 167 1.61 -19.27 13.19
C VAL A 167 1.26 -20.73 13.53
N LEU A 168 0.49 -21.38 12.67
CA LEU A 168 0.26 -22.82 12.82
C LEU A 168 1.56 -23.57 12.53
N PRO A 169 1.95 -24.51 13.42
CA PRO A 169 3.09 -25.37 13.12
C PRO A 169 2.76 -26.18 11.86
N GLN A 170 3.80 -26.57 11.12
CA GLN A 170 3.64 -27.16 9.77
C GLN A 170 2.74 -28.40 9.81
N ASP A 171 2.53 -28.96 11.00
CA ASP A 171 2.07 -30.34 11.16
C ASP A 171 0.68 -30.40 11.82
N LYS A 172 0.21 -29.30 12.40
CA LYS A 172 -1.07 -29.30 13.13
C LYS A 172 -2.00 -28.18 12.61
N GLU A 173 -3.30 -28.40 12.76
CA GLU A 173 -4.30 -27.49 12.23
C GLU A 173 -4.86 -26.59 13.33
N PTR A 174 -4.24 -26.64 14.51
CA PTR A 174 -4.62 -25.80 15.64
C PTR A 174 -3.39 -25.50 16.44
O PTR A 174 -2.42 -26.25 16.42
CB PTR A 174 -5.65 -26.51 16.51
CG PTR A 174 -5.16 -27.78 17.10
CD1 PTR A 174 -5.46 -28.98 16.46
CD2 PTR A 174 -4.42 -27.80 18.27
CE1 PTR A 174 -5.02 -30.17 17.00
CE2 PTR A 174 -3.98 -28.98 18.81
CZ PTR A 174 -4.29 -30.17 18.17
OH PTR A 174 -3.83 -31.35 18.73
P PTR A 174 -4.86 -32.57 19.14
O1P PTR A 174 -4.02 -33.38 20.07
O2P PTR A 174 -5.19 -33.23 17.82
O3P PTR A 174 -6.05 -31.90 19.80
N PTR A 175 -3.39 -24.37 17.15
CA PTR A 175 -2.27 -23.99 18.00
C PTR A 175 -2.93 -23.79 19.33
O PTR A 175 -3.89 -23.03 19.46
CB PTR A 175 -1.67 -22.71 17.45
CG PTR A 175 -0.59 -22.06 18.27
CD1 PTR A 175 -0.91 -21.54 19.49
CD2 PTR A 175 0.72 -21.95 17.80
CE1 PTR A 175 0.05 -20.93 20.26
CE2 PTR A 175 1.70 -21.33 18.57
CZ PTR A 175 1.35 -20.84 19.80
OH PTR A 175 2.20 -20.18 20.67
P PTR A 175 3.77 -20.52 20.93
O1P PTR A 175 4.48 -19.48 20.09
O2P PTR A 175 3.98 -21.94 20.45
O3P PTR A 175 3.85 -20.33 22.44
N LYS A 176 -2.42 -24.49 20.33
CA LYS A 176 -2.87 -24.37 21.72
C LYS A 176 -2.11 -23.22 22.37
N VAL A 177 -2.80 -22.34 23.09
CA VAL A 177 -2.14 -21.18 23.66
C VAL A 177 -1.86 -21.41 25.15
N LYS A 178 -0.59 -21.57 25.47
CA LYS A 178 -0.11 -21.65 26.85
C LYS A 178 -0.25 -20.28 27.52
N GLU A 179 -0.58 -20.32 28.82
CA GLU A 179 -0.82 -19.12 29.64
C GLU A 179 -1.80 -18.18 28.94
N PRO A 180 -3.11 -18.48 29.02
CA PRO A 180 -4.13 -17.56 28.51
C PRO A 180 -4.38 -16.44 29.52
N GLY A 181 -3.89 -15.23 29.23
CA GLY A 181 -4.16 -14.05 30.05
C GLY A 181 -5.61 -13.61 29.93
N GLU A 182 -5.93 -12.43 30.48
CA GLU A 182 -7.28 -11.88 30.36
C GLU A 182 -7.63 -11.68 28.89
N SER A 183 -8.71 -12.33 28.45
CA SER A 183 -8.97 -12.59 27.03
C SER A 183 -10.25 -11.88 26.56
N PRO A 184 -10.45 -11.78 25.22
CA PRO A 184 -11.73 -11.31 24.67
C PRO A 184 -12.73 -12.48 24.62
N ILE A 185 -13.25 -12.83 25.77
CA ILE A 185 -13.93 -14.13 25.96
C ILE A 185 -15.21 -14.19 25.12
N PHE A 186 -15.85 -13.05 24.88
CA PHE A 186 -17.16 -13.03 24.19
C PHE A 186 -17.01 -13.21 22.68
N TRP A 187 -15.77 -13.17 22.17
CA TRP A 187 -15.47 -13.38 20.74
C TRP A 187 -14.90 -14.79 20.51
N TYR A 188 -14.75 -15.56 21.59
CA TYR A 188 -14.02 -16.85 21.56
C TYR A 188 -14.97 -18.01 21.24
N ALA A 189 -14.50 -18.89 20.35
CA ALA A 189 -15.16 -20.19 20.07
C ALA A 189 -15.15 -21.06 21.35
N PRO A 190 -16.07 -22.04 21.44
CA PRO A 190 -16.10 -22.84 22.66
C PRO A 190 -14.79 -23.63 22.88
N GLU A 191 -14.22 -24.17 21.80
CA GLU A 191 -12.99 -24.98 21.92
C GLU A 191 -11.81 -24.09 22.33
N SER A 192 -11.94 -22.77 22.15
CA SER A 192 -10.92 -21.81 22.58
C SER A 192 -11.04 -21.55 24.09
N LEU A 193 -12.28 -21.51 24.59
CA LEU A 193 -12.55 -21.22 26.00
C LEU A 193 -12.22 -22.46 26.87
N THR A 194 -12.33 -23.65 26.28
CA THR A 194 -12.24 -24.91 27.05
C THR A 194 -10.82 -25.51 26.96
N GLU A 195 -10.26 -25.56 25.76
CA GLU A 195 -9.02 -26.30 25.49
C GLU A 195 -7.95 -25.35 24.92
N SER A 196 -8.18 -24.03 25.05
CA SER A 196 -7.25 -22.98 24.57
C SER A 196 -6.74 -23.29 23.15
N LYS A 197 -7.64 -23.74 22.29
CA LYS A 197 -7.30 -24.24 20.95
C LYS A 197 -7.74 -23.23 19.88
N PHE A 198 -6.80 -22.77 19.06
CA PHE A 198 -7.01 -21.65 18.10
C PHE A 198 -6.73 -22.10 16.65
N SER A 199 -7.67 -21.82 15.75
CA SER A 199 -7.62 -22.36 14.39
C SER A 199 -8.28 -21.40 13.39
N VAL A 200 -8.18 -21.72 12.10
CA VAL A 200 -8.96 -21.04 11.07
C VAL A 200 -10.44 -21.10 11.47
N ALA A 201 -10.87 -22.23 12.01
CA ALA A 201 -12.25 -22.45 12.48
C ALA A 201 -12.63 -21.51 13.64
N SER A 202 -11.71 -21.28 14.57
CA SER A 202 -11.99 -20.34 15.67
C SER A 202 -11.97 -18.88 15.18
N ASP A 203 -11.13 -18.55 14.19
CA ASP A 203 -11.17 -17.23 13.57
C ASP A 203 -12.49 -17.03 12.84
N VAL A 204 -13.03 -18.13 12.28
CA VAL A 204 -14.31 -18.09 11.58
C VAL A 204 -15.44 -17.81 12.56
N TRP A 205 -15.39 -18.42 13.76
CA TRP A 205 -16.36 -18.15 14.81
C TRP A 205 -16.36 -16.65 15.13
N SER A 206 -15.18 -16.12 15.43
CA SER A 206 -14.96 -14.70 15.78
C SER A 206 -15.42 -13.78 14.66
N PHE A 207 -15.05 -14.08 13.42
CA PHE A 207 -15.64 -13.39 12.28
C PHE A 207 -17.16 -13.31 12.42
N GLY A 208 -17.80 -14.40 12.86
CA GLY A 208 -19.24 -14.42 13.08
C GLY A 208 -19.69 -13.35 14.07
N VAL A 209 -18.90 -13.14 15.12
CA VAL A 209 -19.19 -12.08 16.10
C VAL A 209 -18.96 -10.71 15.47
N VAL A 210 -17.91 -10.57 14.64
CA VAL A 210 -17.65 -9.30 13.96
C VAL A 210 -18.88 -8.94 13.11
N LEU A 211 -19.46 -9.91 12.42
CA LEU A 211 -20.60 -9.62 11.52
C LEU A 211 -21.81 -9.26 12.38
N TYR A 212 -21.94 -9.89 13.53
CA TYR A 212 -22.96 -9.53 14.51
C TYR A 212 -22.75 -8.07 14.96
N GLU A 213 -21.51 -7.70 15.28
CA GLU A 213 -21.20 -6.31 15.73
C GLU A 213 -21.68 -5.29 14.67
N LEU A 214 -21.37 -5.59 13.42
CA LEU A 214 -21.68 -4.69 12.32
C LEU A 214 -23.19 -4.42 12.28
N PHE A 215 -24.01 -5.48 12.32
CA PHE A 215 -25.47 -5.35 12.13
C PHE A 215 -26.16 -4.74 13.36
N THR A 216 -25.51 -4.75 14.52
CA THR A 216 -25.98 -3.96 15.68
C THR A 216 -25.53 -2.49 15.59
N TYR A 217 -24.68 -2.14 14.63
CA TYR A 217 -24.13 -0.76 14.49
C TYR A 217 -23.46 -0.28 15.79
N ILE A 218 -22.98 -1.21 16.61
CA ILE A 218 -22.36 -0.91 17.90
C ILE A 218 -23.27 0.00 18.74
N GLU A 219 -24.54 -0.39 18.95
CA GLU A 219 -25.28 0.13 20.11
C GLU A 219 -24.58 -0.37 21.37
N LYS A 220 -24.54 0.44 22.42
CA LYS A 220 -23.80 0.07 23.62
C LYS A 220 -24.37 -1.25 24.16
N SER A 221 -25.68 -1.25 24.40
CA SER A 221 -26.37 -2.33 25.08
C SER A 221 -26.52 -3.58 24.19
N LYS A 222 -26.04 -3.52 22.94
CA LYS A 222 -26.26 -4.61 21.98
C LYS A 222 -24.94 -5.35 21.67
N SER A 223 -23.84 -4.84 22.22
CA SER A 223 -22.52 -5.44 22.10
C SER A 223 -22.52 -6.89 22.62
N PRO A 224 -21.56 -7.72 22.16
CA PRO A 224 -21.45 -9.08 22.68
C PRO A 224 -21.27 -9.22 24.20
N PRO A 225 -20.49 -8.32 24.85
CA PRO A 225 -20.40 -8.43 26.32
C PRO A 225 -21.73 -8.13 27.04
N ALA A 226 -22.38 -7.02 26.67
CA ALA A 226 -23.67 -6.66 27.26
C ALA A 226 -24.70 -7.78 27.02
N GLU A 227 -24.64 -8.42 25.85
CA GLU A 227 -25.68 -9.37 25.44
C GLU A 227 -25.50 -10.72 26.14
N PHE A 228 -24.27 -11.17 26.37
CA PHE A 228 -24.05 -12.45 27.04
C PHE A 228 -24.27 -12.27 28.56
N MET A 229 -23.92 -11.11 29.08
CA MET A 229 -24.13 -10.82 30.51
C MET A 229 -25.62 -10.77 30.81
N ARG A 230 -26.41 -10.26 29.86
CA ARG A 230 -27.86 -10.32 29.96
C ARG A 230 -28.29 -11.79 30.17
N MET A 231 -27.81 -12.68 29.30
CA MET A 231 -28.33 -14.05 29.18
C MET A 231 -27.79 -14.94 30.32
N ILE A 232 -26.69 -14.51 30.95
CA ILE A 232 -26.13 -15.23 32.09
C ILE A 232 -26.78 -14.71 33.38
N GLY A 233 -26.96 -13.39 33.44
CA GLY A 233 -27.40 -12.69 34.65
C GLY A 233 -26.33 -11.72 35.13
N ASN A 234 -26.73 -10.46 35.36
CA ASN A 234 -25.80 -9.38 35.75
C ASN A 234 -25.27 -9.61 37.18
N ASP A 235 -25.89 -10.56 37.89
CA ASP A 235 -25.51 -10.90 39.25
C ASP A 235 -24.30 -11.85 39.27
N LYS A 236 -24.04 -12.53 38.17
CA LYS A 236 -22.89 -13.46 38.08
C LYS A 236 -21.58 -12.67 37.91
N GLN A 237 -20.49 -13.21 38.43
CA GLN A 237 -19.28 -12.41 38.72
C GLN A 237 -18.00 -13.24 38.51
N GLY A 238 -16.88 -12.56 38.34
CA GLY A 238 -15.53 -13.14 38.44
C GLY A 238 -15.19 -14.10 37.30
N GLN A 239 -14.75 -15.31 37.65
CA GLN A 239 -14.38 -16.34 36.66
C GLN A 239 -15.54 -17.33 36.51
N MET A 240 -16.60 -17.10 37.27
CA MET A 240 -17.88 -17.79 37.06
C MET A 240 -18.43 -17.45 35.67
N ILE A 241 -18.25 -16.18 35.27
CA ILE A 241 -18.68 -15.64 33.98
C ILE A 241 -18.28 -16.59 32.84
N VAL A 242 -17.00 -16.97 32.79
CA VAL A 242 -16.46 -17.81 31.72
C VAL A 242 -17.16 -19.18 31.77
N PHE A 243 -17.38 -19.71 32.97
CA PHE A 243 -18.00 -21.03 33.15
C PHE A 243 -19.42 -21.01 32.58
N HIS A 244 -20.22 -20.01 32.98
CA HIS A 244 -21.61 -19.84 32.54
C HIS A 244 -21.68 -19.67 31.02
N LEU A 245 -20.70 -18.94 30.46
CA LEU A 245 -20.61 -18.70 29.02
C LEU A 245 -20.36 -20.03 28.29
N ILE A 246 -19.46 -20.85 28.81
CA ILE A 246 -19.08 -22.13 28.18
C ILE A 246 -20.31 -23.04 28.16
N GLU A 247 -21.04 -23.04 29.29
CA GLU A 247 -22.23 -23.88 29.48
C GLU A 247 -23.37 -23.35 28.60
N LEU A 248 -23.52 -22.03 28.54
CA LEU A 248 -24.53 -21.39 27.67
C LEU A 248 -24.30 -21.78 26.20
N LEU A 249 -23.05 -21.72 25.75
CA LEU A 249 -22.71 -22.07 24.37
C LEU A 249 -22.92 -23.57 24.13
N LYS A 250 -22.62 -24.39 25.15
CA LYS A 250 -22.82 -25.86 25.08
C LYS A 250 -24.31 -26.16 24.86
N ASN A 251 -25.18 -25.36 25.49
CA ASN A 251 -26.65 -25.49 25.43
C ASN A 251 -27.23 -24.66 24.27
N ASN A 252 -26.40 -24.39 23.26
CA ASN A 252 -26.77 -23.67 22.03
C ASN A 252 -27.37 -22.29 22.31
N GLY A 253 -27.04 -21.68 23.45
CA GLY A 253 -27.33 -20.25 23.66
C GLY A 253 -26.48 -19.38 22.73
N ARG A 254 -27.07 -18.35 22.13
CA ARG A 254 -26.40 -17.59 21.06
C ARG A 254 -26.77 -16.11 21.13
N LEU A 255 -25.97 -15.27 20.46
CA LEU A 255 -26.31 -13.86 20.34
C LEU A 255 -27.57 -13.77 19.48
N PRO A 256 -28.53 -12.92 19.88
CA PRO A 256 -29.80 -12.71 19.17
C PRO A 256 -29.60 -12.05 17.80
N ARG A 257 -30.60 -12.19 16.93
CA ARG A 257 -30.60 -11.53 15.64
C ARG A 257 -30.70 -10.02 15.85
N PRO A 258 -29.70 -9.28 15.40
CA PRO A 258 -29.75 -7.83 15.53
C PRO A 258 -31.01 -7.27 14.85
N ASP A 259 -31.53 -6.18 15.42
CA ASP A 259 -32.65 -5.48 14.87
C ASP A 259 -32.31 -5.04 13.44
N GLY A 260 -33.10 -5.49 12.48
CA GLY A 260 -32.90 -5.07 11.09
C GLY A 260 -31.99 -6.01 10.33
N CYS A 261 -31.52 -7.05 10.98
CA CYS A 261 -30.66 -8.01 10.30
C CYS A 261 -31.54 -9.08 9.62
N PRO A 262 -31.51 -9.17 8.28
CA PRO A 262 -32.31 -10.18 7.56
C PRO A 262 -31.85 -11.61 7.89
N ASP A 263 -32.75 -12.56 7.63
CA ASP A 263 -32.55 -13.99 7.93
C ASP A 263 -31.23 -14.48 7.32
N GLU A 264 -31.04 -14.21 6.04
CA GLU A 264 -29.91 -14.72 5.29
C GLU A 264 -28.60 -14.36 5.99
N ILE A 265 -28.53 -13.15 6.55
CA ILE A 265 -27.33 -12.66 7.18
C ILE A 265 -27.14 -13.35 8.53
N TYR A 266 -28.22 -13.49 9.29
CA TYR A 266 -28.18 -14.18 10.58
C TYR A 266 -27.69 -15.63 10.41
N MET A 267 -28.10 -16.29 9.33
CA MET A 267 -27.69 -17.68 9.06
C MET A 267 -26.16 -17.79 8.93
N ILE A 268 -25.53 -16.82 8.26
CA ILE A 268 -24.05 -16.82 8.19
C ILE A 268 -23.48 -16.85 9.62
N MET A 269 -24.06 -16.05 10.51
CA MET A 269 -23.55 -15.91 11.88
C MET A 269 -23.72 -17.24 12.62
N THR A 270 -24.93 -17.81 12.59
CA THR A 270 -25.23 -19.02 13.38
C THR A 270 -24.41 -20.20 12.84
N GLU A 271 -24.14 -20.21 11.54
CA GLU A 271 -23.33 -21.26 10.92
C GLU A 271 -21.85 -21.08 11.28
N CYS A 272 -21.42 -19.82 11.43
CA CYS A 272 -20.09 -19.54 11.98
C CYS A 272 -20.01 -20.01 13.43
N TRP A 273 -21.12 -19.91 14.18
CA TRP A 273 -21.14 -20.25 15.62
C TRP A 273 -21.55 -21.71 15.84
N ASN A 274 -20.92 -22.61 15.11
CA ASN A 274 -21.17 -24.03 15.22
C ASN A 274 -20.22 -24.63 16.27
N ASN A 275 -20.76 -25.41 17.20
CA ASN A 275 -19.98 -26.15 18.22
C ASN A 275 -19.00 -27.13 17.54
N ASN A 276 -19.42 -27.68 16.41
CA ASN A 276 -18.61 -28.60 15.62
C ASN A 276 -17.65 -27.78 14.75
N VAL A 277 -16.37 -27.85 15.12
CA VAL A 277 -15.25 -27.17 14.46
C VAL A 277 -15.31 -27.39 12.94
N ASN A 278 -15.52 -28.64 12.51
CA ASN A 278 -15.37 -29.01 11.08
C ASN A 278 -16.56 -28.49 10.26
N GLN A 279 -17.68 -28.20 10.90
CA GLN A 279 -18.88 -27.78 10.16
C GLN A 279 -18.79 -26.27 9.83
N ARG A 280 -18.08 -25.49 10.65
CA ARG A 280 -17.95 -24.04 10.39
C ARG A 280 -17.45 -23.81 8.97
N PRO A 281 -18.08 -22.88 8.24
CA PRO A 281 -17.72 -22.61 6.83
C PRO A 281 -16.29 -22.06 6.68
N SER A 282 -15.82 -21.99 5.44
CA SER A 282 -14.51 -21.42 5.19
C SER A 282 -14.67 -19.94 4.84
N PHE A 283 -13.57 -19.20 4.90
CA PHE A 283 -13.54 -17.79 4.54
C PHE A 283 -13.80 -17.62 3.03
N ARG A 284 -13.41 -18.63 2.25
CA ARG A 284 -13.70 -18.70 0.81
C ARG A 284 -15.21 -18.74 0.60
N ASP A 285 -15.91 -19.55 1.39
CA ASP A 285 -17.38 -19.67 1.29
C ASP A 285 -18.01 -18.36 1.77
N LEU A 286 -17.48 -17.84 2.88
CA LEU A 286 -18.06 -16.66 3.50
C LEU A 286 -17.93 -15.47 2.54
N ALA A 287 -16.76 -15.31 1.90
CA ALA A 287 -16.54 -14.22 0.94
C ALA A 287 -17.56 -14.27 -0.21
N LEU A 288 -17.74 -15.46 -0.79
CA LEU A 288 -18.60 -15.65 -1.96
C LEU A 288 -20.06 -15.44 -1.56
N ARG A 289 -20.45 -16.04 -0.43
CA ARG A 289 -21.85 -16.00 0.04
C ARG A 289 -22.25 -14.54 0.34
N VAL A 290 -21.39 -13.81 1.05
CA VAL A 290 -21.62 -12.41 1.39
C VAL A 290 -21.78 -11.60 0.09
N ASP A 291 -20.89 -11.83 -0.87
CA ASP A 291 -20.83 -11.06 -2.13
C ASP A 291 -22.15 -11.17 -2.90
N GLN A 292 -22.77 -12.34 -2.84
CA GLN A 292 -23.97 -12.60 -3.63
C GLN A 292 -25.17 -11.92 -2.97
N ILE A 293 -25.30 -12.08 -1.65
CA ILE A 293 -26.31 -11.38 -0.88
C ILE A 293 -26.14 -9.87 -1.13
N ARG A 294 -24.90 -9.42 -1.33
CA ARG A 294 -24.65 -8.00 -1.61
C ARG A 294 -25.13 -7.67 -3.02
N ASP A 295 -24.84 -8.58 -3.96
CA ASP A 295 -25.23 -8.45 -5.37
C ASP A 295 -26.73 -8.77 -5.52
N ASN A 296 -27.41 -9.03 -4.39
CA ASN A 296 -28.84 -9.33 -4.38
C ASN A 296 -29.61 -8.09 -3.92
N MET A 297 -28.95 -6.93 -3.96
CA MET A 297 -29.54 -5.64 -3.58
C MET A 297 -28.97 -4.55 -4.50
N GLN B 10 14.73 30.74 -0.36
CA GLN B 10 15.80 31.30 0.52
C GLN B 10 17.12 31.44 -0.25
N PHE B 11 17.07 31.54 -1.59
CA PHE B 11 18.28 31.28 -2.42
C PHE B 11 18.69 32.51 -3.24
N GLU B 12 20.01 32.73 -3.37
CA GLU B 12 20.58 33.92 -4.03
C GLU B 12 21.55 33.52 -5.16
N GLU B 13 21.25 34.01 -6.37
CA GLU B 13 21.87 33.61 -7.65
C GLU B 13 23.42 33.60 -7.60
N ARG B 14 24.05 34.58 -6.97
CA ARG B 14 25.52 34.66 -7.03
C ARG B 14 26.15 34.01 -5.78
N HIS B 15 25.36 33.21 -5.08
CA HIS B 15 25.90 32.37 -4.01
C HIS B 15 25.86 30.88 -4.45
N LEU B 16 25.48 30.66 -5.71
CA LEU B 16 25.47 29.34 -6.35
C LEU B 16 26.79 29.14 -7.12
N LYS B 17 27.69 28.31 -6.60
CA LYS B 17 28.96 28.07 -7.29
C LYS B 17 28.90 26.73 -8.05
N PHE B 18 29.25 26.80 -9.33
CA PHE B 18 29.19 25.67 -10.26
C PHE B 18 30.13 24.54 -9.84
N LEU B 19 29.66 23.29 -9.90
CA LEU B 19 30.54 22.17 -9.62
C LEU B 19 30.71 21.31 -10.89
N GLN B 20 29.59 20.89 -11.50
CA GLN B 20 29.61 20.08 -12.74
C GLN B 20 28.23 20.05 -13.42
N GLN B 21 28.23 19.71 -14.70
CA GLN B 21 27.00 19.44 -15.45
C GLN B 21 26.38 18.15 -14.93
N LEU B 22 25.05 18.03 -15.01
CA LEU B 22 24.38 16.77 -14.63
C LEU B 22 23.64 16.17 -15.82
N GLY B 23 23.15 17.01 -16.73
CA GLY B 23 22.56 16.50 -17.98
C GLY B 23 21.44 17.38 -18.51
N LYS B 24 20.86 16.96 -19.63
CA LYS B 24 19.80 17.72 -20.30
C LYS B 24 18.47 16.97 -20.16
N GLY B 25 17.47 17.66 -19.64
CA GLY B 25 16.12 17.14 -19.60
C GLY B 25 15.41 17.37 -20.93
N ASN B 26 14.12 17.70 -20.85
CA ASN B 26 13.28 17.89 -22.03
C ASN B 26 13.59 19.24 -22.68
N PHE B 27 13.78 20.29 -21.86
CA PHE B 27 13.97 21.62 -22.45
C PHE B 27 15.15 22.38 -21.81
N GLY B 28 15.43 22.16 -20.53
CA GLY B 28 16.46 22.95 -19.86
C GLY B 28 17.79 22.23 -19.79
N SER B 29 18.64 22.69 -18.88
CA SER B 29 19.80 21.91 -18.47
C SER B 29 19.83 21.87 -16.93
N VAL B 30 20.49 20.83 -16.40
CA VAL B 30 20.60 20.67 -14.97
C VAL B 30 22.09 20.54 -14.60
N GLU B 31 22.50 21.34 -13.63
CA GLU B 31 23.90 21.33 -13.19
C GLU B 31 23.95 21.20 -11.67
N MET B 32 25.08 20.67 -11.19
CA MET B 32 25.33 20.52 -9.78
C MET B 32 26.02 21.80 -9.27
N CYS B 33 25.42 22.42 -8.25
CA CYS B 33 25.95 23.66 -7.66
C CYS B 33 26.11 23.51 -6.15
N ARG B 34 27.08 24.23 -5.59
CA ARG B 34 27.14 24.41 -4.13
C ARG B 34 26.47 25.75 -3.81
N TYR B 35 25.49 25.72 -2.91
CA TYR B 35 24.87 26.96 -2.45
C TYR B 35 25.65 27.45 -1.23
N ASP B 36 26.55 28.41 -1.46
CA ASP B 36 27.57 28.79 -0.47
C ASP B 36 27.34 30.23 -0.01
N PRO B 37 26.46 30.43 0.99
CA PRO B 37 26.10 31.75 1.49
C PRO B 37 27.30 32.38 2.23
N LEU B 38 27.75 31.73 3.32
CA LEU B 38 28.93 32.19 4.07
C LEU B 38 30.23 31.65 3.42
N GLN B 39 30.30 31.80 2.09
CA GLN B 39 31.43 31.37 1.22
C GLN B 39 32.61 30.81 2.02
N ASP B 40 32.75 29.48 2.00
CA ASP B 40 33.83 28.76 2.71
C ASP B 40 33.72 27.24 2.47
N ASN B 41 32.90 26.86 1.49
CA ASN B 41 32.76 25.46 1.01
C ASN B 41 31.83 24.64 1.91
N THR B 42 31.20 25.26 2.90
CA THR B 42 30.31 24.48 3.79
C THR B 42 28.94 24.33 3.15
N GLY B 43 28.60 25.23 2.24
CA GLY B 43 27.30 25.23 1.53
C GLY B 43 26.86 23.84 1.05
N GLU B 44 25.56 23.60 1.20
CA GLU B 44 24.86 22.41 0.71
C GLU B 44 24.99 22.32 -0.83
N VAL B 45 25.26 21.11 -1.33
CA VAL B 45 25.30 20.88 -2.78
C VAL B 45 23.87 20.54 -3.25
N VAL B 46 23.46 21.16 -4.35
CA VAL B 46 22.08 21.08 -4.87
C VAL B 46 22.09 20.83 -6.38
N ALA B 47 20.96 20.36 -6.91
CA ALA B 47 20.76 20.29 -8.34
C ALA B 47 19.95 21.53 -8.79
N VAL B 48 20.40 22.16 -9.86
CA VAL B 48 19.86 23.43 -10.30
C VAL B 48 19.47 23.28 -11.77
N LYS B 49 18.20 23.51 -12.05
CA LYS B 49 17.74 23.53 -13.42
C LYS B 49 17.56 24.99 -13.85
N LYS B 50 18.07 25.27 -15.05
CA LYS B 50 17.96 26.58 -15.65
C LYS B 50 17.49 26.42 -17.10
N LEU B 51 17.07 27.53 -17.71
CA LEU B 51 16.39 27.45 -18.99
C LEU B 51 17.35 27.62 -20.18
N GLN B 52 17.04 26.85 -21.22
CA GLN B 52 17.73 26.79 -22.52
C GLN B 52 18.73 25.62 -22.51
N HIS B 58 9.37 28.28 -23.66
CA HIS B 58 9.34 27.21 -22.65
C HIS B 58 9.18 27.80 -21.24
N LEU B 59 9.19 29.13 -21.11
CA LEU B 59 9.16 29.80 -19.80
C LEU B 59 7.86 29.44 -19.05
N ARG B 60 6.78 29.20 -19.79
CA ARG B 60 5.51 28.88 -19.14
C ARG B 60 5.57 27.46 -18.57
N ASP B 61 6.11 26.52 -19.36
CA ASP B 61 6.28 25.12 -18.95
C ASP B 61 7.04 25.05 -17.62
N PHE B 62 8.18 25.75 -17.60
CA PHE B 62 9.10 25.76 -16.47
C PHE B 62 8.42 26.30 -15.21
N GLU B 63 7.68 27.40 -15.33
CA GLU B 63 6.99 27.97 -14.15
C GLU B 63 5.93 26.99 -13.62
N ARG B 64 5.31 26.22 -14.53
CA ARG B 64 4.26 25.27 -14.15
C ARG B 64 4.88 24.00 -13.54
N GLU B 65 6.00 23.54 -14.09
CA GLU B 65 6.75 22.42 -13.52
C GLU B 65 7.15 22.76 -12.09
N ILE B 66 7.59 24.00 -11.89
CA ILE B 66 8.04 24.48 -10.59
C ILE B 66 6.87 24.40 -9.60
N GLU B 67 5.68 24.82 -10.03
CA GLU B 67 4.48 24.77 -9.18
C GLU B 67 4.13 23.32 -8.82
N ILE B 68 4.27 22.43 -9.80
CA ILE B 68 3.99 21.00 -9.63
C ILE B 68 4.96 20.39 -8.60
N LEU B 69 6.26 20.63 -8.78
CA LEU B 69 7.25 19.99 -7.91
C LEU B 69 7.15 20.54 -6.49
N LYS B 70 6.81 21.85 -6.41
CA LYS B 70 6.47 22.56 -5.17
C LYS B 70 5.30 21.89 -4.44
N SER B 71 4.33 21.36 -5.18
CA SER B 71 3.16 20.79 -4.53
C SER B 71 3.41 19.35 -4.09
N LEU B 72 4.50 18.71 -4.53
CA LEU B 72 4.68 17.28 -4.25
C LEU B 72 5.61 17.06 -3.05
N GLN B 73 5.18 16.17 -2.15
CA GLN B 73 6.02 15.80 -0.99
C GLN B 73 5.84 14.31 -0.67
N HIS B 74 6.84 13.50 -1.05
CA HIS B 74 6.78 12.04 -1.00
C HIS B 74 8.19 11.45 -1.11
N ASP B 75 8.40 10.33 -0.41
CA ASP B 75 9.70 9.66 -0.34
C ASP B 75 10.21 9.27 -1.72
N ASN B 76 9.31 9.12 -2.70
CA ASN B 76 9.68 8.54 -3.99
C ASN B 76 9.58 9.59 -5.10
N ILE B 77 9.66 10.85 -4.69
CA ILE B 77 9.66 11.98 -5.63
C ILE B 77 10.78 12.96 -5.25
N VAL B 78 11.53 13.41 -6.25
CA VAL B 78 12.63 14.37 -6.05
C VAL B 78 12.09 15.56 -5.23
N LYS B 79 12.82 15.90 -4.16
CA LYS B 79 12.45 17.01 -3.26
C LYS B 79 12.74 18.35 -3.94
N TYR B 80 11.73 19.21 -3.91
CA TYR B 80 11.84 20.62 -4.27
C TYR B 80 12.56 21.36 -3.13
N LYS B 81 13.44 22.31 -3.44
CA LYS B 81 14.13 23.08 -2.40
C LYS B 81 13.76 24.57 -2.45
N GLY B 82 13.61 25.13 -3.64
CA GLY B 82 13.30 26.54 -3.81
C GLY B 82 13.58 27.02 -5.22
N VAL B 83 13.49 28.34 -5.43
CA VAL B 83 13.85 28.99 -6.69
C VAL B 83 14.77 30.18 -6.38
N CYS B 84 15.45 30.72 -7.40
CA CYS B 84 16.26 31.91 -7.22
C CYS B 84 16.14 32.83 -8.45
N ASN B 91 16.80 34.25 -16.37
CA ASN B 91 16.82 34.56 -14.95
C ASN B 91 16.51 33.28 -14.13
N LEU B 92 15.32 32.72 -14.33
CA LEU B 92 14.69 31.80 -13.36
C LEU B 92 15.41 30.44 -13.32
N LYS B 93 15.67 29.99 -12.09
CA LYS B 93 16.35 28.72 -11.79
C LYS B 93 15.60 27.98 -10.67
N LEU B 94 15.39 26.66 -10.89
CA LEU B 94 14.71 25.75 -9.96
C LEU B 94 15.76 24.98 -9.14
N ILE B 95 15.58 24.91 -7.82
CA ILE B 95 16.58 24.32 -6.93
C ILE B 95 16.02 23.06 -6.28
N MET B 96 16.74 21.96 -6.49
CA MET B 96 16.29 20.64 -6.12
C MET B 96 17.42 19.93 -5.38
N GLU B 97 17.04 18.91 -4.61
CA GLU B 97 18.03 18.04 -4.01
C GLU B 97 18.85 17.37 -5.11
N TYR B 98 20.13 17.19 -4.82
CA TYR B 98 21.04 16.41 -5.61
C TYR B 98 21.09 14.98 -5.09
N LEU B 99 20.96 14.02 -6.00
CA LEU B 99 21.01 12.62 -5.63
C LEU B 99 22.24 11.98 -6.28
N PRO B 100 23.24 11.61 -5.45
CA PRO B 100 24.59 11.31 -5.95
C PRO B 100 24.69 9.95 -6.65
N TYR B 101 23.69 9.10 -6.49
CA TYR B 101 23.73 7.81 -7.19
C TYR B 101 23.28 7.93 -8.65
N GLY B 102 22.73 9.08 -9.07
CA GLY B 102 22.39 9.33 -10.48
C GLY B 102 21.10 8.64 -10.93
N SER B 103 20.88 8.55 -12.24
CA SER B 103 19.65 7.93 -12.75
C SER B 103 19.66 6.40 -12.50
N LEU B 104 18.47 5.85 -12.28
CA LEU B 104 18.31 4.40 -12.19
C LEU B 104 18.92 3.74 -13.43
N ARG B 105 18.73 4.35 -14.60
CA ARG B 105 19.30 3.82 -15.85
C ARG B 105 20.83 3.65 -15.72
N ASP B 106 21.53 4.66 -15.20
CA ASP B 106 23.00 4.59 -15.10
C ASP B 106 23.41 3.63 -13.99
N TYR B 107 22.72 3.71 -12.86
CA TYR B 107 23.05 2.89 -11.70
C TYR B 107 22.85 1.40 -12.02
N LEU B 108 21.75 1.07 -12.70
CA LEU B 108 21.46 -0.33 -13.06
C LEU B 108 22.58 -0.87 -13.96
N GLN B 109 23.00 -0.10 -14.96
CA GLN B 109 24.12 -0.50 -15.81
C GLN B 109 25.37 -0.70 -14.97
N ALA B 110 25.73 0.33 -14.19
CA ALA B 110 26.99 0.34 -13.44
C ALA B 110 27.04 -0.82 -12.44
N HIS B 111 25.88 -1.18 -11.85
CA HIS B 111 25.87 -1.98 -10.64
C HIS B 111 25.17 -3.33 -10.87
N ALA B 112 24.99 -3.72 -12.13
CA ALA B 112 24.12 -4.86 -12.53
C ALA B 112 24.45 -6.16 -11.78
N GLU B 113 25.72 -6.45 -11.53
CA GLU B 113 26.14 -7.74 -10.97
C GLU B 113 25.63 -7.87 -9.53
N ARG B 114 25.34 -6.74 -8.89
CA ARG B 114 24.91 -6.73 -7.49
C ARG B 114 23.38 -6.47 -7.39
N ILE B 115 22.67 -6.34 -8.50
CA ILE B 115 21.22 -6.09 -8.42
C ILE B 115 20.45 -7.32 -8.92
N ASP B 116 19.77 -8.00 -8.01
CA ASP B 116 19.04 -9.21 -8.30
C ASP B 116 17.56 -8.85 -8.54
N HIS B 117 16.68 -9.84 -8.67
CA HIS B 117 15.30 -9.56 -9.06
C HIS B 117 14.50 -8.94 -7.92
N ILE B 118 14.75 -9.42 -6.70
CA ILE B 118 14.13 -8.85 -5.51
C ILE B 118 14.42 -7.34 -5.47
N LYS B 119 15.64 -6.95 -5.79
CA LYS B 119 16.00 -5.53 -5.77
C LYS B 119 15.24 -4.79 -6.88
N LEU B 120 15.19 -5.34 -8.10
CA LEU B 120 14.42 -4.73 -9.20
C LEU B 120 12.95 -4.50 -8.77
N LEU B 121 12.39 -5.48 -8.05
CA LEU B 121 10.98 -5.40 -7.69
C LEU B 121 10.76 -4.40 -6.55
N GLN B 122 11.71 -4.27 -5.65
CA GLN B 122 11.70 -3.19 -4.64
C GLN B 122 11.55 -1.83 -5.34
N TYR B 123 12.40 -1.58 -6.34
CA TYR B 123 12.39 -0.33 -7.10
C TYR B 123 11.04 -0.14 -7.81
N THR B 124 10.53 -1.23 -8.42
CA THR B 124 9.31 -1.23 -9.20
C THR B 124 8.13 -0.76 -8.32
N SER B 125 8.11 -1.27 -7.11
CA SER B 125 7.09 -0.98 -6.13
C SER B 125 7.11 0.50 -5.72
N GLN B 126 8.31 1.06 -5.54
CA GLN B 126 8.50 2.46 -5.14
C GLN B 126 8.03 3.39 -6.27
N ILE B 127 8.31 3.02 -7.52
CA ILE B 127 7.84 3.81 -8.63
C ILE B 127 6.30 3.79 -8.62
N CYS B 128 5.70 2.64 -8.32
CA CYS B 128 4.24 2.55 -8.26
C CYS B 128 3.69 3.47 -7.16
N LYS B 129 4.28 3.40 -5.98
CA LYS B 129 3.81 4.23 -4.86
C LYS B 129 3.93 5.72 -5.23
N GLY B 130 5.02 6.07 -5.90
CA GLY B 130 5.22 7.45 -6.30
C GLY B 130 4.18 7.87 -7.33
N MET B 131 3.87 6.98 -8.27
CA MET B 131 2.93 7.28 -9.35
C MET B 131 1.51 7.31 -8.79
N GLU B 132 1.28 6.51 -7.77
CA GLU B 132 0.02 6.50 -7.08
C GLU B 132 -0.20 7.87 -6.46
N TYR B 133 0.79 8.34 -5.71
CA TYR B 133 0.72 9.64 -5.07
C TYR B 133 0.47 10.73 -6.12
N LEU B 134 1.10 10.62 -7.30
CA LEU B 134 0.84 11.57 -8.39
C LEU B 134 -0.66 11.65 -8.71
N GLY B 135 -1.32 10.50 -8.83
CA GLY B 135 -2.74 10.45 -9.21
C GLY B 135 -3.65 11.11 -8.18
N THR B 136 -3.30 10.93 -6.90
CA THR B 136 -3.91 11.65 -5.79
C THR B 136 -4.07 13.14 -6.12
N LYS B 137 -3.10 13.68 -6.88
CA LYS B 137 -3.03 15.12 -7.20
C LYS B 137 -3.49 15.36 -8.64
N ARG B 138 -3.94 14.29 -9.29
CA ARG B 138 -4.46 14.34 -10.66
C ARG B 138 -3.40 14.86 -11.63
N TYR B 139 -2.12 14.53 -11.38
CA TYR B 139 -1.00 14.87 -12.27
C TYR B 139 -0.68 13.69 -13.20
N ILE B 140 -0.30 13.98 -14.45
CA ILE B 140 0.03 12.96 -15.46
C ILE B 140 1.49 13.17 -15.90
N HIS B 141 2.37 12.22 -15.57
CA HIS B 141 3.83 12.40 -15.73
C HIS B 141 4.23 12.54 -17.21
N ARG B 142 3.67 11.67 -18.05
CA ARG B 142 3.87 11.66 -19.51
C ARG B 142 5.27 11.18 -19.91
N ASP B 143 6.23 11.09 -18.99
CA ASP B 143 7.61 10.83 -19.42
C ASP B 143 8.29 9.76 -18.55
N LEU B 144 7.49 8.80 -18.10
CA LEU B 144 7.99 7.78 -17.21
C LEU B 144 8.94 6.85 -17.99
N ALA B 145 10.17 6.75 -17.50
CA ALA B 145 11.27 6.03 -18.16
C ALA B 145 12.42 5.90 -17.16
N THR B 146 13.27 4.87 -17.29
CA THR B 146 14.32 4.67 -16.26
C THR B 146 15.36 5.80 -16.26
N ARG B 147 15.48 6.54 -17.37
CA ARG B 147 16.39 7.70 -17.44
C ARG B 147 15.87 8.82 -16.52
N ASN B 148 14.58 8.80 -16.18
CA ASN B 148 13.93 9.89 -15.39
C ASN B 148 13.69 9.48 -13.92
N ILE B 149 14.14 8.28 -13.53
CA ILE B 149 14.06 7.81 -12.15
C ILE B 149 15.45 7.98 -11.53
N LEU B 150 15.53 8.50 -10.31
CA LEU B 150 16.84 8.77 -9.66
C LEU B 150 17.03 7.84 -8.46
N VAL B 151 18.28 7.45 -8.21
CA VAL B 151 18.61 6.56 -7.08
C VAL B 151 19.04 7.41 -5.87
N GLU B 152 18.29 7.30 -4.79
CA GLU B 152 18.58 7.98 -3.51
C GLU B 152 19.67 7.20 -2.76
N ASN B 153 19.43 5.90 -2.57
CA ASN B 153 20.40 4.95 -2.02
C ASN B 153 20.03 3.56 -2.55
N GLU B 154 20.79 2.54 -2.19
CA GLU B 154 20.57 1.20 -2.76
C GLU B 154 19.16 0.67 -2.43
N ASN B 155 18.43 1.36 -1.54
CA ASN B 155 17.08 0.91 -1.14
C ASN B 155 16.00 1.91 -1.55
N ARG B 156 16.34 3.00 -2.23
CA ARG B 156 15.28 3.96 -2.58
C ARG B 156 15.57 4.66 -3.91
N VAL B 157 14.52 4.69 -4.75
CA VAL B 157 14.51 5.42 -6.01
C VAL B 157 13.40 6.48 -5.93
N LYS B 158 13.47 7.45 -6.85
CA LYS B 158 12.63 8.63 -6.80
C LYS B 158 12.36 9.05 -8.25
N ILE B 159 11.09 9.36 -8.56
CA ILE B 159 10.72 9.91 -9.86
C ILE B 159 11.18 11.37 -9.94
N GLY B 160 11.88 11.72 -11.00
CA GLY B 160 12.22 13.09 -11.29
C GLY B 160 11.63 13.56 -12.61
N ASP B 161 12.21 14.62 -13.17
CA ASP B 161 11.86 15.23 -14.46
C ASP B 161 10.35 15.41 -14.64
N PHE B 162 9.82 16.50 -14.08
CA PHE B 162 8.40 16.77 -14.15
C PHE B 162 8.10 17.81 -15.23
N GLY B 163 9.03 17.97 -16.18
CA GLY B 163 8.96 19.03 -17.17
C GLY B 163 7.79 18.88 -18.13
N LEU B 164 7.25 17.66 -18.28
CA LEU B 164 6.17 17.36 -19.25
C LEU B 164 4.86 17.06 -18.51
N THR B 165 4.81 17.28 -17.20
CA THR B 165 3.67 16.83 -16.38
C THR B 165 2.51 17.83 -16.52
N LYS B 166 1.30 17.31 -16.75
CA LYS B 166 0.09 18.12 -16.96
C LYS B 166 -0.97 17.75 -15.90
N VAL B 167 -1.86 18.69 -15.58
CA VAL B 167 -2.91 18.45 -14.58
C VAL B 167 -4.21 18.12 -15.32
N LEU B 168 -4.93 17.12 -14.82
CA LEU B 168 -6.23 16.79 -15.39
C LEU B 168 -7.22 17.90 -15.04
N PRO B 169 -8.03 18.36 -16.03
CA PRO B 169 -9.19 19.22 -15.74
C PRO B 169 -10.15 18.51 -14.78
N GLN B 170 -11.05 19.26 -14.14
CA GLN B 170 -11.91 18.68 -13.11
C GLN B 170 -13.00 17.81 -13.75
N ASP B 171 -13.14 17.89 -15.08
CA ASP B 171 -14.26 17.26 -15.80
C ASP B 171 -13.77 16.22 -16.82
N LYS B 172 -12.45 16.01 -16.89
CA LYS B 172 -11.87 15.07 -17.86
C LYS B 172 -11.01 14.02 -17.13
N GLU B 173 -10.81 12.87 -17.77
CA GLU B 173 -9.96 11.82 -17.21
C GLU B 173 -8.70 11.67 -18.07
N PTR B 174 -8.59 12.53 -19.07
CA PTR B 174 -7.39 12.59 -19.91
C PTR B 174 -7.10 14.03 -20.15
O PTR B 174 -7.83 14.91 -19.70
CB PTR B 174 -7.64 11.85 -21.21
CG PTR B 174 -8.69 12.48 -22.05
CD1 PTR B 174 -10.01 12.06 -22.04
CD2 PTR B 174 -8.30 13.52 -22.87
CE1 PTR B 174 -10.94 12.68 -22.84
CE2 PTR B 174 -9.22 14.14 -23.67
CZ PTR B 174 -10.52 13.72 -23.65
OH PTR B 174 -11.34 14.46 -24.50
P PTR B 174 -12.68 13.95 -25.26
O1P PTR B 174 -13.48 13.18 -24.23
O2P PTR B 174 -12.14 13.14 -26.42
O3P PTR B 174 -13.24 15.29 -25.63
N PTR B 175 -6.00 14.31 -20.85
CA PTR B 175 -5.65 15.66 -21.20
C PTR B 175 -5.01 15.55 -22.53
O PTR B 175 -4.04 14.80 -22.71
CB PTR B 175 -4.68 16.14 -20.12
CG PTR B 175 -4.04 17.47 -20.35
CD1 PTR B 175 -3.13 17.60 -21.38
CD2 PTR B 175 -4.31 18.58 -19.56
CE1 PTR B 175 -2.51 18.80 -21.63
CE2 PTR B 175 -3.68 19.79 -19.80
CZ PTR B 175 -2.79 19.88 -20.84
OH PTR B 175 -2.09 21.02 -21.18
P PTR B 175 -2.65 22.53 -21.03
O1P PTR B 175 -3.91 22.45 -21.85
O2P PTR B 175 -1.52 23.29 -21.68
O3P PTR B 175 -2.86 22.79 -19.55
N LYS B 176 -5.54 16.32 -23.50
CA LYS B 176 -5.01 16.39 -24.87
C LYS B 176 -3.86 17.41 -24.93
N VAL B 177 -2.80 17.07 -25.68
CA VAL B 177 -1.57 17.89 -25.78
C VAL B 177 -1.26 18.17 -27.27
N LYS B 178 -0.23 18.97 -27.50
CA LYS B 178 0.17 19.40 -28.85
C LYS B 178 1.68 19.63 -28.89
N GLY B 181 6.76 18.14 -31.04
CA GLY B 181 8.21 18.20 -31.23
C GLY B 181 8.82 16.81 -31.42
N GLU B 182 9.70 16.43 -30.51
CA GLU B 182 10.28 15.07 -30.47
C GLU B 182 9.83 14.39 -29.17
N SER B 183 8.88 13.46 -29.30
CA SER B 183 8.30 12.78 -28.15
C SER B 183 8.90 11.39 -28.00
N PRO B 184 8.92 10.85 -26.77
CA PRO B 184 9.47 9.50 -26.49
C PRO B 184 8.52 8.36 -26.93
N ILE B 185 8.43 8.14 -28.23
CA ILE B 185 7.29 7.43 -28.85
C ILE B 185 7.23 5.95 -28.41
N PHE B 186 8.39 5.36 -28.15
CA PHE B 186 8.46 3.93 -27.82
C PHE B 186 8.00 3.66 -26.38
N TRP B 187 7.62 4.70 -25.63
CA TRP B 187 7.11 4.56 -24.26
C TRP B 187 5.63 4.96 -24.23
N TYR B 188 5.10 5.38 -25.38
CA TYR B 188 3.77 5.99 -25.49
C TYR B 188 2.67 4.93 -25.63
N ALA B 189 1.58 5.13 -24.91
CA ALA B 189 0.37 4.37 -25.12
C ALA B 189 -0.16 4.63 -26.54
N PRO B 190 -1.01 3.74 -27.07
CA PRO B 190 -1.28 3.94 -28.51
C PRO B 190 -2.23 5.12 -28.77
N GLU B 191 -3.19 5.35 -27.88
CA GLU B 191 -4.08 6.52 -27.94
C GLU B 191 -3.28 7.82 -27.78
N SER B 192 -2.06 7.74 -27.22
CA SER B 192 -1.20 8.91 -27.04
C SER B 192 -0.59 9.29 -28.39
N LEU B 193 -0.20 8.26 -29.13
CA LEU B 193 0.32 8.40 -30.49
C LEU B 193 -0.80 8.95 -31.41
N THR B 194 -2.03 8.43 -31.27
CA THR B 194 -3.09 8.66 -32.27
C THR B 194 -3.89 9.93 -31.94
N GLU B 195 -4.22 10.16 -30.68
CA GLU B 195 -5.18 11.22 -30.32
C GLU B 195 -4.55 12.24 -29.36
N SER B 196 -3.24 12.10 -29.08
CA SER B 196 -2.53 12.92 -28.06
C SER B 196 -3.22 12.86 -26.69
N LYS B 197 -3.87 11.74 -26.37
CA LYS B 197 -4.55 11.61 -25.07
C LYS B 197 -3.56 11.08 -24.02
N PHE B 198 -3.54 11.73 -22.86
CA PHE B 198 -2.65 11.38 -21.75
C PHE B 198 -3.47 11.28 -20.46
N SER B 199 -3.25 10.21 -19.70
CA SER B 199 -4.06 9.86 -18.51
C SER B 199 -3.24 9.01 -17.52
N VAL B 200 -3.83 8.73 -16.35
CA VAL B 200 -3.26 7.79 -15.42
C VAL B 200 -2.94 6.51 -16.21
N ALA B 201 -3.92 6.09 -17.02
CA ALA B 201 -3.82 4.86 -17.76
C ALA B 201 -2.67 4.89 -18.78
N SER B 202 -2.33 6.04 -19.37
CA SER B 202 -1.16 6.03 -20.32
C SER B 202 0.17 6.01 -19.55
N ASP B 203 0.14 6.55 -18.33
CA ASP B 203 1.25 6.46 -17.39
C ASP B 203 1.49 4.98 -17.05
N VAL B 204 0.39 4.23 -16.84
CA VAL B 204 0.46 2.78 -16.56
C VAL B 204 1.11 2.06 -17.75
N TRP B 205 0.71 2.38 -18.99
CA TRP B 205 1.37 1.80 -20.19
C TRP B 205 2.88 2.04 -20.08
N SER B 206 3.26 3.28 -19.82
CA SER B 206 4.67 3.66 -19.80
C SER B 206 5.38 2.92 -18.66
N PHE B 207 4.73 2.86 -17.49
CA PHE B 207 5.23 2.09 -16.38
C PHE B 207 5.56 0.67 -16.87
N GLY B 208 4.72 0.10 -17.74
CA GLY B 208 4.96 -1.24 -18.30
C GLY B 208 6.27 -1.31 -19.06
N VAL B 209 6.62 -0.22 -19.74
CA VAL B 209 7.88 -0.17 -20.48
C VAL B 209 9.03 0.01 -19.48
N VAL B 210 8.77 0.68 -18.36
CA VAL B 210 9.79 0.89 -17.33
C VAL B 210 10.17 -0.47 -16.74
N LEU B 211 9.16 -1.31 -16.48
CA LEU B 211 9.38 -2.67 -15.93
C LEU B 211 10.18 -3.50 -16.95
N TYR B 212 9.82 -3.39 -18.23
CA TYR B 212 10.58 -4.03 -19.28
C TYR B 212 12.07 -3.61 -19.20
N GLU B 213 12.35 -2.30 -19.10
CA GLU B 213 13.75 -1.79 -19.09
C GLU B 213 14.50 -2.39 -17.90
N LEU B 214 13.82 -2.41 -16.75
CA LEU B 214 14.40 -2.94 -15.53
C LEU B 214 14.85 -4.38 -15.76
N PHE B 215 14.02 -5.24 -16.37
CA PHE B 215 14.37 -6.67 -16.50
C PHE B 215 15.35 -6.90 -17.67
N THR B 216 15.54 -5.91 -18.52
CA THR B 216 16.63 -6.03 -19.53
C THR B 216 17.97 -5.63 -18.92
N TYR B 217 17.95 -5.08 -17.71
CA TYR B 217 19.14 -4.49 -17.07
C TYR B 217 19.77 -3.43 -18.00
N ILE B 218 18.91 -2.79 -18.80
CA ILE B 218 19.31 -1.78 -19.79
C ILE B 218 20.46 -2.31 -20.66
N GLU B 219 20.35 -3.57 -21.09
CA GLU B 219 21.28 -4.13 -22.09
C GLU B 219 21.03 -3.43 -23.43
N LYS B 220 22.12 -3.18 -24.17
CA LYS B 220 22.15 -2.18 -25.27
C LYS B 220 21.19 -2.58 -26.40
N SER B 221 21.29 -3.83 -26.85
CA SER B 221 20.52 -4.34 -27.98
C SER B 221 19.01 -4.40 -27.67
N LYS B 222 18.65 -4.38 -26.39
CA LYS B 222 17.33 -4.86 -25.95
C LYS B 222 16.41 -3.68 -25.61
N SER B 223 16.87 -2.44 -25.83
CA SER B 223 16.09 -1.26 -25.47
C SER B 223 14.80 -1.19 -26.30
N PRO B 224 13.76 -0.55 -25.75
CA PRO B 224 12.50 -0.34 -26.47
C PRO B 224 12.71 0.16 -27.91
N PRO B 225 13.51 1.21 -28.14
CA PRO B 225 13.68 1.66 -29.55
C PRO B 225 14.28 0.57 -30.45
N ALA B 226 15.31 -0.12 -29.96
CA ALA B 226 15.94 -1.16 -30.75
C ALA B 226 14.95 -2.30 -31.06
N GLU B 227 14.20 -2.75 -30.04
CA GLU B 227 13.25 -3.88 -30.26
C GLU B 227 12.15 -3.45 -31.24
N PHE B 228 11.60 -2.26 -31.04
CA PHE B 228 10.50 -1.77 -31.87
C PHE B 228 10.96 -1.47 -33.31
N MET B 229 12.13 -0.85 -33.47
CA MET B 229 12.71 -0.62 -34.80
C MET B 229 12.98 -1.95 -35.52
N ARG B 230 13.26 -3.03 -34.78
CA ARG B 230 13.50 -4.34 -35.38
C ARG B 230 12.19 -4.93 -35.92
N MET B 231 11.11 -4.76 -35.13
CA MET B 231 9.79 -5.31 -35.44
C MET B 231 9.11 -4.48 -36.54
N ILE B 232 9.37 -3.17 -36.55
CA ILE B 232 8.84 -2.24 -37.57
C ILE B 232 9.65 -2.40 -38.86
N GLY B 233 10.88 -2.88 -38.75
CA GLY B 233 11.86 -2.85 -39.85
C GLY B 233 12.76 -1.62 -39.71
N ASN B 234 14.05 -1.78 -39.99
CA ASN B 234 15.02 -0.66 -39.86
C ASN B 234 14.70 0.44 -40.91
N ASP B 235 13.91 0.05 -41.91
CA ASP B 235 13.13 0.96 -42.75
C ASP B 235 11.89 1.44 -41.96
N GLY B 238 11.60 7.55 -41.24
CA GLY B 238 11.76 8.85 -40.57
C GLY B 238 10.44 9.38 -40.06
N GLN B 239 9.47 9.55 -40.97
CA GLN B 239 8.12 10.00 -40.59
C GLN B 239 7.14 8.81 -40.74
N MET B 240 7.60 7.77 -41.44
CA MET B 240 6.83 6.54 -41.65
C MET B 240 6.96 5.60 -40.43
N ILE B 241 7.73 5.99 -39.42
CA ILE B 241 8.01 5.15 -38.23
C ILE B 241 6.77 5.13 -37.33
N VAL B 242 6.18 6.30 -37.08
CA VAL B 242 5.05 6.39 -36.14
C VAL B 242 3.81 5.69 -36.71
N PHE B 243 3.64 5.70 -38.04
CA PHE B 243 2.48 5.00 -38.60
C PHE B 243 2.65 3.49 -38.41
N HIS B 244 3.85 3.00 -38.71
CA HIS B 244 4.14 1.58 -38.59
C HIS B 244 4.06 1.11 -37.13
N LEU B 245 4.53 1.92 -36.19
CA LEU B 245 4.45 1.60 -34.77
C LEU B 245 2.97 1.47 -34.35
N ILE B 246 2.16 2.46 -34.71
CA ILE B 246 0.73 2.47 -34.38
C ILE B 246 0.09 1.17 -34.92
N GLU B 247 0.43 0.79 -36.14
CA GLU B 247 -0.08 -0.43 -36.76
C GLU B 247 0.33 -1.64 -35.92
N LEU B 248 1.63 -1.77 -35.67
CA LEU B 248 2.20 -2.87 -34.86
C LEU B 248 1.47 -3.01 -33.52
N LEU B 249 1.22 -1.88 -32.84
CA LEU B 249 0.55 -1.94 -31.54
C LEU B 249 -0.92 -2.35 -31.72
N LYS B 250 -1.51 -1.97 -32.86
CA LYS B 250 -2.92 -2.27 -33.14
C LYS B 250 -3.07 -3.77 -33.38
N ASN B 251 -2.04 -4.36 -33.99
CA ASN B 251 -1.98 -5.79 -34.35
C ASN B 251 -1.33 -6.61 -33.22
N ASN B 252 -1.31 -6.06 -32.00
CA ASN B 252 -0.84 -6.77 -30.77
C ASN B 252 0.66 -7.15 -30.82
N GLY B 253 1.44 -6.50 -31.67
CA GLY B 253 2.88 -6.51 -31.53
C GLY B 253 3.26 -5.86 -30.19
N ARG B 254 4.26 -6.43 -29.52
CA ARG B 254 4.64 -6.05 -28.15
C ARG B 254 6.12 -6.35 -27.96
N LEU B 255 6.78 -5.59 -27.08
CA LEU B 255 8.16 -5.91 -26.65
C LEU B 255 8.23 -7.37 -26.19
N PRO B 256 9.33 -8.07 -26.51
CA PRO B 256 9.30 -9.51 -26.20
C PRO B 256 9.59 -9.73 -24.69
N ARG B 257 9.62 -10.98 -24.25
CA ARG B 257 9.94 -11.23 -22.83
C ARG B 257 11.47 -11.18 -22.66
N PRO B 258 11.97 -10.28 -21.79
CA PRO B 258 13.39 -10.26 -21.50
C PRO B 258 13.88 -11.62 -20.95
N ASP B 259 15.06 -12.03 -21.41
CA ASP B 259 15.78 -13.20 -20.91
C ASP B 259 15.86 -13.14 -19.38
N GLY B 260 15.40 -14.20 -18.71
CA GLY B 260 15.45 -14.23 -17.23
C GLY B 260 14.24 -13.59 -16.55
N CYS B 261 13.36 -12.95 -17.32
CA CYS B 261 12.14 -12.40 -16.75
C CYS B 261 11.12 -13.54 -16.60
N PRO B 262 10.66 -13.84 -15.37
CA PRO B 262 9.67 -14.89 -15.24
C PRO B 262 8.34 -14.47 -15.91
N ASP B 263 7.55 -15.46 -16.30
CA ASP B 263 6.22 -15.25 -16.87
C ASP B 263 5.38 -14.28 -16.02
N GLU B 264 5.34 -14.49 -14.70
CA GLU B 264 4.51 -13.67 -13.79
C GLU B 264 4.86 -12.17 -13.92
N ILE B 265 6.14 -11.83 -14.11
CA ILE B 265 6.48 -10.42 -14.23
C ILE B 265 6.07 -9.93 -15.62
N TYR B 266 6.28 -10.76 -16.65
CA TYR B 266 5.99 -10.37 -18.03
C TYR B 266 4.48 -10.14 -18.22
N MET B 267 3.64 -10.87 -17.49
CA MET B 267 2.19 -10.70 -17.61
C MET B 267 1.76 -9.36 -17.02
N ILE B 268 2.51 -8.88 -16.03
CA ILE B 268 2.26 -7.55 -15.50
C ILE B 268 2.51 -6.52 -16.61
N MET B 269 3.65 -6.65 -17.30
CA MET B 269 3.97 -5.82 -18.46
C MET B 269 2.80 -5.86 -19.45
N THR B 270 2.48 -7.05 -19.94
CA THR B 270 1.38 -7.35 -20.89
C THR B 270 0.09 -6.63 -20.48
N GLU B 271 -0.22 -6.67 -19.19
CA GLU B 271 -1.48 -6.13 -18.69
C GLU B 271 -1.45 -4.60 -18.76
N CYS B 272 -0.27 -4.03 -18.64
CA CYS B 272 -0.11 -2.59 -18.72
C CYS B 272 -0.20 -2.14 -20.18
N TRP B 273 0.21 -3.01 -21.08
CA TRP B 273 0.17 -2.73 -22.52
C TRP B 273 -1.17 -3.17 -23.14
N ASN B 274 -2.28 -2.89 -22.47
CA ASN B 274 -3.60 -3.22 -23.00
C ASN B 274 -4.08 -2.07 -23.91
N ASN B 275 -4.53 -2.41 -25.13
CA ASN B 275 -5.13 -1.41 -26.07
C ASN B 275 -6.37 -0.76 -25.44
N ASN B 276 -7.15 -1.54 -24.70
CA ASN B 276 -8.31 -1.06 -23.99
C ASN B 276 -7.85 -0.35 -22.70
N VAL B 277 -7.85 0.99 -22.79
CA VAL B 277 -7.44 1.94 -21.74
C VAL B 277 -7.95 1.52 -20.35
N ASN B 278 -9.25 1.24 -20.24
CA ASN B 278 -9.89 1.03 -18.93
C ASN B 278 -9.52 -0.34 -18.35
N GLN B 279 -8.94 -1.21 -19.17
CA GLN B 279 -8.59 -2.55 -18.69
C GLN B 279 -7.16 -2.57 -18.11
N ARG B 280 -6.41 -1.49 -18.24
CA ARG B 280 -5.09 -1.40 -17.62
C ARG B 280 -5.27 -1.29 -16.10
N PRO B 281 -4.37 -1.94 -15.33
CA PRO B 281 -4.50 -1.93 -13.87
C PRO B 281 -4.14 -0.56 -13.26
N SER B 282 -4.55 -0.37 -12.02
CA SER B 282 -4.18 0.83 -11.26
C SER B 282 -2.77 0.64 -10.66
N PHE B 283 -2.17 1.76 -10.28
CA PHE B 283 -0.87 1.77 -9.63
C PHE B 283 -0.91 1.05 -8.27
N ARG B 284 -2.05 1.16 -7.58
CA ARG B 284 -2.30 0.48 -6.31
C ARG B 284 -2.39 -1.05 -6.52
N ASP B 285 -3.11 -1.51 -7.55
CA ASP B 285 -3.06 -2.93 -7.87
C ASP B 285 -1.59 -3.35 -8.06
N LEU B 286 -0.87 -2.62 -8.91
CA LEU B 286 0.48 -3.00 -9.32
C LEU B 286 1.43 -3.03 -8.10
N ALA B 287 1.41 -1.99 -7.28
CA ALA B 287 2.25 -1.92 -6.07
C ALA B 287 2.05 -3.21 -5.26
N LEU B 288 0.79 -3.60 -5.09
CA LEU B 288 0.44 -4.74 -4.28
C LEU B 288 0.93 -6.03 -4.97
N ARG B 289 0.62 -6.22 -6.25
CA ARG B 289 1.02 -7.44 -6.99
C ARG B 289 2.55 -7.63 -6.97
N VAL B 290 3.29 -6.55 -7.21
CA VAL B 290 4.74 -6.61 -7.24
C VAL B 290 5.27 -6.93 -5.83
N ASP B 291 4.64 -6.37 -4.80
CA ASP B 291 5.06 -6.62 -3.43
C ASP B 291 4.95 -8.11 -3.13
N GLN B 292 3.85 -8.71 -3.55
CA GLN B 292 3.57 -10.13 -3.27
C GLN B 292 4.52 -11.04 -4.05
N ILE B 293 4.70 -10.75 -5.34
CA ILE B 293 5.62 -11.53 -6.17
C ILE B 293 7.03 -11.49 -5.57
N ARG B 294 7.43 -10.31 -5.08
CA ARG B 294 8.73 -10.10 -4.43
C ARG B 294 8.84 -10.90 -3.11
N ASP B 295 7.71 -11.12 -2.44
CA ASP B 295 7.66 -11.89 -1.20
C ASP B 295 7.73 -13.40 -1.48
N ASN B 296 7.06 -13.89 -2.53
CA ASN B 296 7.10 -15.31 -2.95
C ASN B 296 8.50 -15.70 -3.47
N MET B 297 9.40 -14.73 -3.55
CA MET B 297 10.66 -14.87 -4.27
C MET B 297 11.81 -15.05 -3.26
N ALA B 298 11.57 -14.64 -2.01
CA ALA B 298 12.52 -14.83 -0.89
C ALA B 298 12.10 -16.05 -0.06
C9 9T6 C . -6.15 4.11 15.84
C3 9T6 C . -3.66 3.66 12.61
C8 9T6 C . -6.76 5.27 15.40
C5 9T6 C . -5.19 3.71 14.88
C2 9T6 C . -3.52 2.70 13.58
C1 9T6 C . -4.28 2.67 14.73
C6 9T6 C . -5.26 4.65 13.85
C10 9T6 C . -2.55 1.66 13.31
C19 9T6 C . -4.19 -0.36 18.07
C23 9T6 C . -6.00 -0.66 16.40
C22 9T6 C . -6.57 -0.79 18.76
C15 9T6 C . -5.52 1.41 19.17
C16 9T6 C . -7.30 1.15 17.43
C21 9T6 C . -5.48 -1.12 17.75
C14 9T6 C . -4.45 1.14 18.12
C17 9T6 C . -6.22 0.85 16.43
C18 9T6 C . -4.99 1.68 16.81
C20 9T6 C . -6.82 0.70 18.78
N4 9T6 C . -4.53 4.67 12.72
N7 9T6 C . -6.21 5.58 14.18
N12 9T6 C . -2.11 1.75 12.02
N13 9T6 C . -4.07 1.61 15.67
O11 9T6 C . -2.23 0.85 14.16
O24 9T6 C . -7.90 1.01 19.64
C9 9T6 D . 21.45 13.51 -12.57
C3 9T6 D . 19.73 15.09 -9.19
C8 9T6 D . 22.49 12.89 -11.92
C5 9T6 D . 20.65 14.17 -11.61
C2 9T6 D . 19.07 15.40 -10.35
C1 9T6 D . 19.50 14.96 -11.60
C6 9T6 D . 21.26 13.91 -10.37
C10 9T6 D . 17.88 16.22 -10.21
C19 9T6 D . 17.12 15.52 -15.08
C23 9T6 D . 17.30 13.17 -14.18
C22 9T6 D . 17.16 13.49 -16.54
C15 9T6 D . 19.09 15.04 -16.50
C16 9T6 D . 19.35 12.79 -15.47
C21 9T6 D . 16.67 14.07 -15.23
C14 9T6 D . 18.64 15.62 -15.16
C17 9T6 D . 18.82 13.34 -14.17
C18 9T6 D . 19.26 14.80 -14.02
C20 9T6 D . 18.68 13.57 -16.59
N4 9T6 D . 20.85 14.33 -9.16
N7 9T6 D . 22.36 13.14 -10.59
N12 9T6 D . 17.58 16.45 -8.90
N13 9T6 D . 18.75 15.32 -12.75
O11 9T6 D . 17.25 16.61 -11.17
O24 9T6 D . 19.08 12.94 -17.78
#